data_4J53
#
_entry.id   4J53
#
_cell.length_a   66.649
_cell.length_b   66.649
_cell.length_c   153.960
_cell.angle_alpha   90.000
_cell.angle_beta   90.000
_cell.angle_gamma   120.000
#
_symmetry.space_group_name_H-M   'P 32 2 1'
#
loop_
_entity.id
_entity.type
_entity.pdbx_description
1 polymer 'Serine/threonine-protein kinase PLK1'
2 non-polymer 'ZINC ION'
3 non-polymer 'ACETATE ION'
4 non-polymer 4-[(9-cyclopentyl-7,7-difluoro-5-methyl-6-oxo-6,7,8,9-tetrahydro-5H-pyrimido[4,5-b][1,4]diazepin-2-yl)amino]-2-fluoro-5-methoxy-N-(1-methylpiperidin-4-yl)benzamide
5 water water
#
_entity_poly.entity_id   1
_entity_poly.type   'polypeptide(L)'
_entity_poly.pdbx_seq_one_letter_code
;KEIPEVLVDPRSRRRYVRGRFLGKGGFAKCFEISDADTKEVFAGKIVPKSLLLKPHQREKMSMEISIHRSLAHQHVVGFH
GFFEDNDFVFVVLELCRRRSLLELHKRRKALTEPEARYYLRQIVLGCQYLHRNRVIHRDLKLGNLFLNEDLEVKIGDFGL
ATKVEYDGERKKVLCGTPNYIAPEVLSKKGHSFEVDVWSIGCIMYTLLVGKPPFETSCLKETYLRIKKNEYSIPKHINPV
AASLIQKMLQTDPTARPTINELLNDEFFTSGYIPARLPITCLTIPPRFSIAPS
;
_entity_poly.pdbx_strand_id   A
#
# COMPACT_ATOMS: atom_id res chain seq x y z
N LYS A 1 5.82 -27.25 14.58
CA LYS A 1 4.58 -26.47 14.88
C LYS A 1 3.89 -26.05 13.60
N GLU A 2 2.91 -26.85 13.17
CA GLU A 2 2.40 -26.76 11.81
C GLU A 2 0.96 -26.27 11.79
N ILE A 3 0.57 -25.64 10.67
CA ILE A 3 -0.67 -24.86 10.58
C ILE A 3 -1.89 -25.76 10.34
N PRO A 4 -2.99 -25.57 11.12
CA PRO A 4 -4.18 -26.42 10.95
C PRO A 4 -4.81 -26.37 9.55
N GLU A 5 -5.42 -27.48 9.14
CA GLU A 5 -6.12 -27.55 7.85
C GLU A 5 -7.44 -26.79 7.88
N VAL A 6 -8.10 -26.75 9.03
CA VAL A 6 -9.31 -25.93 9.22
C VAL A 6 -9.15 -24.96 10.41
N LEU A 7 -9.47 -23.69 10.16
CA LEU A 7 -9.26 -22.61 11.11
C LEU A 7 -10.59 -22.26 11.78
N VAL A 8 -10.70 -22.50 13.09
CA VAL A 8 -11.97 -22.31 13.77
C VAL A 8 -11.94 -21.10 14.69
N ASP A 9 -12.80 -20.14 14.38
CA ASP A 9 -13.05 -19.01 15.27
C ASP A 9 -14.08 -19.46 16.30
N PRO A 10 -13.68 -19.55 17.57
CA PRO A 10 -14.62 -19.99 18.63
C PRO A 10 -15.73 -18.97 18.97
N ARG A 11 -15.44 -17.68 18.78
CA ARG A 11 -16.38 -16.63 19.16
C ARG A 11 -17.54 -16.58 18.18
N SER A 12 -17.23 -16.43 16.90
CA SER A 12 -18.26 -16.32 15.86
C SER A 12 -18.76 -17.68 15.33
N ARG A 13 -18.15 -18.78 15.79
CA ARG A 13 -18.49 -20.15 15.33
C ARG A 13 -18.25 -20.35 13.83
N ARG A 14 -17.37 -19.55 13.24
CA ARG A 14 -17.04 -19.66 11.81
C ARG A 14 -15.87 -20.62 11.61
N ARG A 15 -15.89 -21.32 10.48
CA ARG A 15 -14.84 -22.28 10.14
C ARG A 15 -14.33 -21.99 8.72
N TYR A 16 -13.00 -21.93 8.59
CA TYR A 16 -12.34 -21.57 7.33
C TYR A 16 -11.45 -22.70 6.86
N VAL A 17 -11.72 -23.21 5.65
CA VAL A 17 -10.92 -24.25 5.04
C VAL A 17 -9.68 -23.62 4.44
N ARG A 18 -8.51 -24.08 4.87
CA ARG A 18 -7.24 -23.55 4.37
C ARG A 18 -7.02 -24.06 2.95
N GLY A 19 -6.98 -23.13 2.01
CA GLY A 19 -6.78 -23.44 0.60
C GLY A 19 -5.34 -23.17 0.22
N ARG A 20 -5.14 -22.62 -0.98
CA ARG A 20 -3.81 -22.56 -1.59
C ARG A 20 -2.87 -21.51 -0.97
N PHE A 21 -1.61 -21.91 -0.79
CA PHE A 21 -0.55 -21.02 -0.29
C PHE A 21 -0.29 -19.86 -1.25
N LEU A 22 -0.45 -18.63 -0.75
CA LEU A 22 -0.27 -17.41 -1.54
C LEU A 22 1.16 -16.83 -1.41
N GLY A 23 1.79 -17.03 -0.25
CA GLY A 23 3.14 -16.50 -0.02
C GLY A 23 3.40 -16.08 1.41
N LYS A 24 4.58 -15.55 1.65
CA LYS A 24 5.06 -15.25 2.99
C LYS A 24 5.26 -13.74 3.19
N GLY A 25 4.17 -13.03 3.51
CA GLY A 25 4.24 -11.61 3.87
C GLY A 25 4.87 -11.35 5.23
N GLY A 26 6.20 -11.39 5.28
CA GLY A 26 6.96 -11.16 6.51
C GLY A 26 6.96 -12.37 7.45
N PHE A 27 6.60 -12.12 8.71
CA PHE A 27 6.41 -13.16 9.72
C PHE A 27 5.32 -14.14 9.28
N ALA A 28 4.34 -13.61 8.55
CA ALA A 28 3.13 -14.32 8.23
C ALA A 28 3.28 -15.24 7.05
N LYS A 29 2.44 -16.27 7.02
CA LYS A 29 2.22 -17.07 5.84
C LYS A 29 0.77 -16.85 5.44
N CYS A 30 0.54 -16.54 4.15
CA CYS A 30 -0.80 -16.22 3.68
C CYS A 30 -1.36 -17.33 2.79
N PHE A 31 -2.66 -17.59 2.95
CA PHE A 31 -3.35 -18.65 2.22
C PHE A 31 -4.70 -18.13 1.73
N GLU A 32 -5.16 -18.70 0.62
CA GLU A 32 -6.57 -18.59 0.25
C GLU A 32 -7.31 -19.43 1.29
N ILE A 33 -8.29 -18.85 1.97
CA ILE A 33 -9.13 -19.62 2.91
C ILE A 33 -10.60 -19.39 2.61
N SER A 34 -11.45 -20.35 2.95
CA SER A 34 -12.87 -20.28 2.59
C SER A 34 -13.81 -20.69 3.73
N ASP A 35 -14.83 -19.86 3.97
CA ASP A 35 -15.82 -20.10 5.04
C ASP A 35 -16.67 -21.32 4.69
N ALA A 36 -16.76 -22.27 5.62
CA ALA A 36 -17.42 -23.55 5.35
C ALA A 36 -18.90 -23.43 4.96
N ASP A 37 -19.63 -22.48 5.57
CA ASP A 37 -21.07 -22.31 5.29
C ASP A 37 -21.32 -21.54 4.00
N THR A 38 -20.79 -20.32 3.91
CA THR A 38 -21.04 -19.45 2.76
C THR A 38 -20.12 -19.75 1.57
N LYS A 39 -19.05 -20.50 1.79
CA LYS A 39 -18.05 -20.80 0.75
C LYS A 39 -17.30 -19.55 0.25
N GLU A 40 -17.48 -18.42 0.95
CA GLU A 40 -16.85 -17.18 0.56
C GLU A 40 -15.36 -17.24 0.83
N VAL A 41 -14.56 -16.74 -0.11
CA VAL A 41 -13.11 -16.93 -0.07
C VAL A 41 -12.41 -15.65 0.37
N PHE A 42 -11.48 -15.81 1.30
CA PHE A 42 -10.70 -14.70 1.84
C PHE A 42 -9.21 -15.01 1.78
N ALA A 43 -8.42 -13.97 1.98
CA ALA A 43 -7.01 -14.11 2.30
C ALA A 43 -6.86 -14.32 3.81
N GLY A 44 -6.25 -15.43 4.20
CA GLY A 44 -5.92 -15.71 5.60
C GLY A 44 -4.44 -15.44 5.90
N LYS A 45 -4.16 -14.50 6.80
CA LYS A 45 -2.80 -14.13 7.17
C LYS A 45 -2.50 -14.79 8.52
N ILE A 46 -1.63 -15.79 8.51
CA ILE A 46 -1.44 -16.66 9.67
C ILE A 46 -0.04 -16.47 10.25
N VAL A 47 0.03 -15.98 11.48
CA VAL A 47 1.33 -15.70 12.07
C VAL A 47 1.55 -16.52 13.33
N PRO A 48 2.70 -17.21 13.39
CA PRO A 48 2.96 -18.10 14.51
C PRO A 48 3.44 -17.33 15.73
N LYS A 49 2.93 -17.69 16.90
CA LYS A 49 3.30 -17.02 18.15
C LYS A 49 4.75 -17.30 18.56
N SER A 50 5.37 -18.34 18.00
CA SER A 50 6.80 -18.58 18.21
C SER A 50 7.65 -17.39 17.74
N LEU A 51 7.15 -16.61 16.80
CA LEU A 51 7.83 -15.39 16.33
C LEU A 51 7.37 -14.11 17.03
N LEU A 52 6.56 -14.27 18.08
CA LEU A 52 5.97 -13.17 18.85
C LEU A 52 6.26 -13.38 20.34
N LEU A 53 7.47 -13.83 20.66
CA LEU A 53 7.87 -14.06 22.06
C LEU A 53 8.08 -12.75 22.84
N LYS A 54 8.48 -11.67 22.16
CA LYS A 54 8.73 -10.39 22.82
C LYS A 54 7.49 -9.53 22.82
N PRO A 55 7.16 -8.92 23.97
CA PRO A 55 6.04 -7.98 24.08
C PRO A 55 6.03 -6.89 23.01
N HIS A 56 7.19 -6.31 22.71
CA HIS A 56 7.29 -5.32 21.66
C HIS A 56 6.72 -5.82 20.34
N GLN A 57 7.06 -7.07 20.00
CA GLN A 57 6.60 -7.66 18.74
C GLN A 57 5.10 -7.91 18.81
N ARG A 58 4.61 -8.35 19.97
CA ARG A 58 3.17 -8.54 20.16
C ARG A 58 2.40 -7.24 20.08
N GLU A 59 2.97 -6.19 20.66
CA GLU A 59 2.32 -4.89 20.68
C GLU A 59 2.13 -4.33 19.28
N LYS A 60 3.06 -4.62 18.37
CA LYS A 60 2.96 -4.14 17.00
C LYS A 60 1.85 -4.85 16.24
N MET A 61 1.78 -6.17 16.38
CA MET A 61 0.69 -6.94 15.77
C MET A 61 -0.70 -6.47 16.28
N SER A 62 -0.82 -6.21 17.58
CA SER A 62 -2.07 -5.74 18.18
C SER A 62 -2.46 -4.38 17.66
N MET A 63 -1.45 -3.57 17.41
CA MET A 63 -1.65 -2.23 16.91
C MET A 63 -2.13 -2.30 15.47
N GLU A 64 -1.48 -3.15 14.67
CA GLU A 64 -1.86 -3.32 13.28
C GLU A 64 -3.31 -3.75 13.16
N ILE A 65 -3.70 -4.75 13.95
CA ILE A 65 -5.09 -5.23 13.98
C ILE A 65 -6.04 -4.13 14.44
N SER A 66 -5.62 -3.42 15.49
CA SER A 66 -6.43 -2.33 16.03
C SER A 66 -6.74 -1.27 14.98
N ILE A 67 -5.72 -0.86 14.22
CA ILE A 67 -5.88 0.16 13.20
C ILE A 67 -6.73 -0.40 12.06
N HIS A 68 -6.33 -1.53 11.52
CA HIS A 68 -6.96 -2.09 10.34
C HIS A 68 -8.45 -2.49 10.58
N ARG A 69 -8.77 -2.97 11.77
CA ARG A 69 -10.16 -3.38 12.07
C ARG A 69 -11.12 -2.18 12.00
N SER A 70 -10.60 -1.00 12.32
CA SER A 70 -11.43 0.20 12.41
C SER A 70 -11.71 0.82 11.04
N LEU A 71 -11.07 0.30 9.99
CA LEU A 71 -11.10 0.89 8.67
C LEU A 71 -12.07 0.16 7.75
N ALA A 72 -12.85 0.94 6.98
CA ALA A 72 -13.73 0.41 5.92
C ALA A 72 -13.79 1.38 4.74
N HIS A 73 -13.25 0.98 3.59
CA HIS A 73 -13.22 1.83 2.40
C HIS A 73 -13.00 0.99 1.14
N GLN A 74 -13.49 1.50 0.02
CA GLN A 74 -13.41 0.82 -1.27
C GLN A 74 -11.97 0.57 -1.72
N HIS A 75 -11.06 1.42 -1.28
CA HIS A 75 -9.66 1.34 -1.66
C HIS A 75 -8.75 1.07 -0.47
N VAL A 76 -9.31 0.37 0.53
CA VAL A 76 -8.56 -0.23 1.63
C VAL A 76 -8.96 -1.71 1.72
N VAL A 77 -7.96 -2.57 1.89
CA VAL A 77 -8.16 -4.00 2.05
C VAL A 77 -9.16 -4.26 3.18
N GLY A 78 -10.26 -4.94 2.84
CA GLY A 78 -11.28 -5.27 3.81
C GLY A 78 -10.75 -6.11 4.95
N PHE A 79 -11.02 -5.66 6.18
CA PHE A 79 -10.67 -6.41 7.39
C PHE A 79 -11.93 -7.12 7.86
N HIS A 80 -11.97 -8.44 7.72
CA HIS A 80 -13.16 -9.20 8.03
C HIS A 80 -13.14 -9.84 9.41
N GLY A 81 -11.95 -9.98 10.02
CA GLY A 81 -11.84 -10.42 11.41
C GLY A 81 -10.52 -11.07 11.76
N PHE A 82 -10.41 -11.51 13.01
CA PHE A 82 -9.19 -12.17 13.48
C PHE A 82 -9.47 -13.04 14.70
N PHE A 83 -8.62 -14.03 14.91
CA PHE A 83 -8.71 -14.90 16.07
C PHE A 83 -7.38 -15.60 16.27
N GLU A 84 -7.27 -16.41 17.31
CA GLU A 84 -5.98 -16.98 17.68
C GLU A 84 -6.18 -18.23 18.51
N ASP A 85 -5.28 -19.20 18.36
CA ASP A 85 -5.18 -20.34 19.28
C ASP A 85 -3.86 -20.21 20.03
N ASN A 86 -3.48 -21.23 20.80
CA ASN A 86 -2.24 -21.16 21.57
C ASN A 86 -0.97 -21.04 20.72
N ASP A 87 -1.07 -21.35 19.42
CA ASP A 87 0.11 -21.38 18.53
C ASP A 87 0.13 -20.32 17.42
N PHE A 88 -1.04 -19.85 16.99
CA PHE A 88 -1.14 -18.97 15.83
C PHE A 88 -2.08 -17.79 16.01
N VAL A 89 -1.82 -16.75 15.22
CA VAL A 89 -2.74 -15.62 15.06
C VAL A 89 -3.27 -15.65 13.63
N PHE A 90 -4.60 -15.61 13.50
CA PHE A 90 -5.28 -15.69 12.21
C PHE A 90 -5.99 -14.38 11.94
N VAL A 91 -5.68 -13.76 10.80
CA VAL A 91 -6.38 -12.55 10.35
C VAL A 91 -7.06 -12.86 9.04
N VAL A 92 -8.34 -12.54 8.95
CA VAL A 92 -9.12 -12.81 7.75
C VAL A 92 -9.33 -11.52 6.97
N LEU A 93 -8.73 -11.45 5.78
CA LEU A 93 -8.71 -10.23 4.97
C LEU A 93 -9.33 -10.42 3.59
N GLU A 94 -9.73 -9.30 2.99
CA GLU A 94 -10.25 -9.27 1.63
C GLU A 94 -9.20 -9.86 0.70
N LEU A 95 -9.60 -10.86 -0.07
CA LEU A 95 -8.72 -11.48 -1.07
C LEU A 95 -8.60 -10.59 -2.32
N CYS A 96 -7.38 -10.43 -2.81
CA CYS A 96 -7.12 -9.57 -3.96
C CYS A 96 -6.47 -10.38 -5.05
N ARG A 97 -7.33 -10.95 -5.89
CA ARG A 97 -6.96 -12.01 -6.82
C ARG A 97 -5.90 -11.62 -7.86
N ARG A 98 -5.71 -10.32 -8.09
CA ARG A 98 -4.74 -9.88 -9.11
C ARG A 98 -3.50 -9.31 -8.46
N ARG A 99 -3.24 -9.71 -7.22
CA ARG A 99 -1.96 -9.47 -6.59
C ARG A 99 -1.75 -7.98 -6.32
N SER A 100 -0.56 -7.45 -6.61
CA SER A 100 -0.27 -6.06 -6.32
C SER A 100 0.32 -5.34 -7.52
N LEU A 101 0.40 -4.02 -7.38
CA LEU A 101 1.10 -3.16 -8.34
C LEU A 101 2.58 -3.47 -8.49
N LEU A 102 3.17 -4.19 -7.55
CA LEU A 102 4.56 -4.60 -7.72
C LEU A 102 4.67 -5.59 -8.88
N GLU A 103 3.72 -6.54 -8.93
CA GLU A 103 3.76 -7.58 -9.97
C GLU A 103 3.38 -7.01 -11.32
N LEU A 104 2.51 -6.00 -11.30
CA LEU A 104 2.19 -5.24 -12.50
C LEU A 104 3.44 -4.51 -13.01
N HIS A 105 4.08 -3.78 -12.12
CA HIS A 105 5.31 -3.05 -12.44
C HIS A 105 6.38 -3.98 -13.02
N LYS A 106 6.52 -5.18 -12.47
CA LYS A 106 7.51 -6.13 -12.96
C LYS A 106 7.21 -6.66 -14.36
N ARG A 107 5.95 -6.64 -14.76
CA ARG A 107 5.54 -7.09 -16.09
C ARG A 107 5.63 -5.94 -17.10
N ARG A 108 5.07 -4.79 -16.72
CA ARG A 108 4.84 -3.69 -17.65
C ARG A 108 5.88 -2.57 -17.59
N LYS A 109 6.69 -2.53 -16.53
CA LYS A 109 7.57 -1.39 -16.26
C LYS A 109 6.77 -0.07 -16.24
N ALA A 110 7.15 0.92 -17.03
CA ALA A 110 6.46 2.22 -17.03
C ALA A 110 5.06 2.05 -17.59
N LEU A 111 4.06 2.64 -16.94
CA LEU A 111 2.67 2.53 -17.42
C LEU A 111 2.38 3.64 -18.42
N THR A 112 1.25 3.55 -19.10
CA THR A 112 0.76 4.67 -19.90
C THR A 112 0.20 5.73 -18.94
N GLU A 113 0.13 6.97 -19.38
CA GLU A 113 -0.27 8.05 -18.48
C GLU A 113 -1.68 7.81 -17.88
N PRO A 114 -2.66 7.43 -18.70
CA PRO A 114 -4.02 7.22 -18.15
C PRO A 114 -4.13 6.06 -17.18
N GLU A 115 -3.29 5.04 -17.33
CA GLU A 115 -3.20 4.00 -16.32
C GLU A 115 -2.70 4.56 -15.01
N ALA A 116 -1.59 5.27 -15.07
CA ALA A 116 -1.04 5.89 -13.87
C ALA A 116 -2.13 6.72 -13.19
N ARG A 117 -2.75 7.60 -13.96
CA ARG A 117 -3.81 8.47 -13.48
C ARG A 117 -4.89 7.66 -12.77
N TYR A 118 -5.30 6.56 -13.42
CA TYR A 118 -6.31 5.66 -12.88
C TYR A 118 -5.92 5.12 -11.50
N TYR A 119 -4.75 4.53 -11.41
CA TYR A 119 -4.31 3.91 -10.17
C TYR A 119 -4.01 4.95 -9.11
N LEU A 120 -3.35 6.03 -9.52
CA LEU A 120 -2.99 7.06 -8.57
C LEU A 120 -4.23 7.65 -7.90
N ARG A 121 -5.30 7.83 -8.66
CA ARG A 121 -6.53 8.38 -8.11
C ARG A 121 -7.09 7.49 -6.99
N GLN A 122 -7.09 6.19 -7.24
CA GLN A 122 -7.58 5.24 -6.26
C GLN A 122 -6.64 5.18 -5.06
N ILE A 123 -5.35 5.20 -5.33
CA ILE A 123 -4.35 5.26 -4.24
C ILE A 123 -4.64 6.49 -3.38
N VAL A 124 -4.83 7.65 -4.02
CA VAL A 124 -5.09 8.90 -3.29
C VAL A 124 -6.39 8.86 -2.51
N LEU A 125 -7.43 8.28 -3.09
CA LEU A 125 -8.75 8.26 -2.44
C LEU A 125 -8.74 7.45 -1.15
N GLY A 126 -8.04 6.32 -1.18
CA GLY A 126 -7.87 5.48 0.01
C GLY A 126 -7.00 6.18 1.03
N CYS A 127 -5.95 6.84 0.58
CA CYS A 127 -5.11 7.58 1.50
C CYS A 127 -5.86 8.79 2.14
N GLN A 128 -6.70 9.46 1.36
CA GLN A 128 -7.55 10.51 1.91
C GLN A 128 -8.37 9.97 3.08
N TYR A 129 -8.92 8.78 2.88
CA TYR A 129 -9.68 8.11 3.89
C TYR A 129 -8.80 7.88 5.12
N LEU A 130 -7.63 7.29 4.94
CA LEU A 130 -6.74 7.02 6.07
C LEU A 130 -6.50 8.32 6.82
N HIS A 131 -6.10 9.36 6.10
CA HIS A 131 -5.77 10.64 6.73
C HIS A 131 -6.95 11.30 7.42
N ARG A 132 -8.12 11.26 6.81
CA ARG A 132 -9.34 11.74 7.45
C ARG A 132 -9.57 11.07 8.83
N ASN A 133 -9.21 9.79 8.93
CA ASN A 133 -9.36 9.05 10.20
C ASN A 133 -8.11 9.11 11.07
N ARG A 134 -7.24 10.08 10.80
CA ARG A 134 -6.01 10.33 11.58
C ARG A 134 -5.03 9.13 11.55
N VAL A 135 -5.03 8.37 10.44
CA VAL A 135 -4.11 7.25 10.24
C VAL A 135 -3.04 7.55 9.21
N ILE A 136 -1.77 7.33 9.56
CA ILE A 136 -0.67 7.42 8.60
C ILE A 136 -0.23 5.99 8.33
N HIS A 137 -0.11 5.64 7.06
CA HIS A 137 0.27 4.28 6.65
C HIS A 137 1.77 4.06 6.88
N ARG A 138 2.57 5.00 6.38
CA ARG A 138 4.04 5.06 6.59
C ARG A 138 4.86 4.04 5.79
N ASP A 139 4.20 3.21 4.99
CA ASP A 139 4.89 2.27 4.12
C ASP A 139 4.11 2.02 2.85
N LEU A 140 3.60 3.06 2.22
CA LEU A 140 2.93 2.90 0.95
C LEU A 140 3.96 2.57 -0.13
N LYS A 141 3.76 1.44 -0.79
CA LYS A 141 4.63 0.99 -1.86
C LYS A 141 3.83 0.08 -2.76
N LEU A 142 4.42 -0.34 -3.88
CA LEU A 142 3.69 -1.10 -4.88
C LEU A 142 3.21 -2.45 -4.34
N GLY A 143 4.02 -3.07 -3.50
CA GLY A 143 3.69 -4.36 -2.92
C GLY A 143 2.51 -4.35 -1.96
N ASN A 144 2.14 -3.16 -1.47
CA ASN A 144 1.06 -2.97 -0.50
C ASN A 144 -0.20 -2.43 -1.13
N LEU A 145 -0.12 -2.22 -2.43
CA LEU A 145 -1.20 -1.69 -3.19
C LEU A 145 -1.70 -2.84 -4.04
N PHE A 146 -2.69 -3.52 -3.48
CA PHE A 146 -3.24 -4.75 -4.02
C PHE A 146 -4.32 -4.45 -5.08
N LEU A 147 -4.63 -5.45 -5.88
CA LEU A 147 -5.58 -5.32 -6.96
C LEU A 147 -6.59 -6.45 -6.89
N ASN A 148 -7.88 -6.10 -6.87
CA ASN A 148 -8.96 -7.08 -6.96
C ASN A 148 -9.23 -7.50 -8.41
N GLU A 149 -10.23 -8.36 -8.63
CA GLU A 149 -10.55 -8.90 -9.97
C GLU A 149 -10.86 -7.82 -11.03
N ASP A 150 -11.32 -6.65 -10.58
CA ASP A 150 -11.63 -5.51 -11.45
C ASP A 150 -10.52 -4.47 -11.48
N LEU A 151 -9.31 -4.85 -11.06
CA LEU A 151 -8.16 -3.95 -11.05
C LEU A 151 -8.38 -2.65 -10.25
N GLU A 152 -9.18 -2.74 -9.19
CA GLU A 152 -9.30 -1.67 -8.20
C GLU A 152 -8.23 -1.84 -7.14
N VAL A 153 -7.74 -0.72 -6.65
CA VAL A 153 -6.60 -0.70 -5.77
C VAL A 153 -7.12 -0.77 -4.34
N LYS A 154 -6.44 -1.60 -3.55
CA LYS A 154 -6.74 -1.74 -2.14
C LYS A 154 -5.46 -1.66 -1.33
N ILE A 155 -5.38 -0.61 -0.52
CA ILE A 155 -4.26 -0.36 0.37
C ILE A 155 -4.25 -1.41 1.48
N GLY A 156 -3.11 -2.09 1.66
CA GLY A 156 -2.95 -3.14 2.68
C GLY A 156 -1.71 -2.93 3.53
N ASP A 157 -1.39 -3.96 4.32
CA ASP A 157 -0.29 -3.97 5.30
C ASP A 157 -0.18 -2.71 6.15
N PHE A 158 -0.93 -2.71 7.24
CA PHE A 158 -0.89 -1.62 8.20
C PHE A 158 0.12 -1.87 9.33
N GLY A 159 1.13 -2.70 9.06
CA GLY A 159 2.16 -3.04 10.04
C GLY A 159 3.04 -1.91 10.51
N LEU A 160 3.14 -0.85 9.71
CA LEU A 160 3.87 0.35 10.12
C LEU A 160 2.93 1.52 10.38
N ALA A 161 1.64 1.31 10.24
CA ALA A 161 0.67 2.40 10.40
C ALA A 161 0.65 2.93 11.83
N THR A 162 0.35 4.22 11.99
CA THR A 162 0.20 4.83 13.33
C THR A 162 -0.97 5.82 13.34
N LYS A 163 -1.57 6.01 14.51
CA LYS A 163 -2.68 6.97 14.73
C LYS A 163 -2.17 8.30 15.23
N VAL A 164 -2.58 9.40 14.61
CA VAL A 164 -2.28 10.72 15.18
C VAL A 164 -3.29 11.02 16.28
N GLU A 165 -2.82 11.03 17.53
CA GLU A 165 -3.68 11.11 18.71
C GLU A 165 -4.09 12.55 19.06
N TYR A 166 -3.30 13.52 18.62
CA TYR A 166 -3.56 14.91 18.95
C TYR A 166 -3.01 15.81 17.86
N ASP A 167 -3.54 17.03 17.79
CA ASP A 167 -3.30 17.92 16.67
C ASP A 167 -1.87 18.47 16.67
N GLY A 168 -1.20 18.31 15.54
CA GLY A 168 0.20 18.73 15.39
C GLY A 168 1.21 17.76 15.98
N GLU A 169 0.78 16.55 16.33
CA GLU A 169 1.68 15.51 16.84
C GLU A 169 2.73 15.19 15.79
N ARG A 170 3.99 15.15 16.21
CA ARG A 170 5.09 14.77 15.34
C ARG A 170 5.67 13.46 15.86
N LYS A 171 5.45 12.38 15.14
CA LYS A 171 5.99 11.08 15.52
C LYS A 171 7.51 11.11 15.40
N LYS A 172 8.21 10.56 16.37
CA LYS A 172 9.66 10.58 16.31
C LYS A 172 10.25 9.17 16.25
N VAL A 173 9.40 8.16 16.25
CA VAL A 173 9.84 6.79 16.17
C VAL A 173 9.09 6.11 15.03
N LEU A 174 9.82 5.29 14.26
CA LEU A 174 9.20 4.42 13.27
C LEU A 174 9.91 3.06 13.32
N CYS A 175 9.35 2.12 14.07
CA CYS A 175 9.96 0.81 14.14
C CYS A 175 9.60 0.05 12.88
N GLY A 176 10.56 0.00 11.97
CA GLY A 176 10.37 -0.55 10.64
C GLY A 176 11.20 0.19 9.59
N THR A 177 11.29 -0.43 8.42
CA THR A 177 12.11 0.08 7.31
C THR A 177 11.22 0.31 6.08
N PRO A 178 10.55 1.46 6.01
CA PRO A 178 9.73 1.74 4.83
C PRO A 178 10.55 1.76 3.53
N ASN A 179 9.90 1.42 2.42
CA ASN A 179 10.57 1.37 1.12
C ASN A 179 10.81 2.78 0.55
N TYR A 180 9.72 3.50 0.32
CA TYR A 180 9.79 4.89 -0.19
C TYR A 180 9.80 5.85 1.01
N ILE A 181 10.91 5.83 1.73
CA ILE A 181 11.05 6.49 3.02
C ILE A 181 11.38 7.98 2.90
N ALA A 182 10.65 8.80 3.67
CA ALA A 182 10.70 10.27 3.56
C ALA A 182 11.91 10.86 4.26
N PRO A 183 12.46 11.96 3.73
CA PRO A 183 13.70 12.58 4.27
C PRO A 183 13.63 13.03 5.73
N GLU A 184 12.45 13.42 6.20
CA GLU A 184 12.26 13.72 7.64
C GLU A 184 12.41 12.49 8.53
N VAL A 185 12.04 11.32 8.03
CA VAL A 185 12.21 10.08 8.78
C VAL A 185 13.70 9.73 8.86
N LEU A 186 14.39 9.84 7.73
CA LEU A 186 15.81 9.48 7.62
C LEU A 186 16.73 10.41 8.41
N SER A 187 16.45 11.72 8.34
CA SER A 187 17.15 12.70 9.17
C SER A 187 16.82 12.41 10.63
N LYS A 188 15.56 12.03 10.87
CA LYS A 188 15.10 11.53 12.16
C LYS A 188 14.76 12.70 13.07
N LYS A 189 14.00 13.67 12.54
CA LYS A 189 13.61 14.86 13.30
C LYS A 189 12.08 15.10 13.32
N GLY A 190 11.32 14.02 13.28
CA GLY A 190 9.87 14.09 13.49
C GLY A 190 9.08 14.10 12.18
N HIS A 191 7.91 13.48 12.19
CA HIS A 191 7.14 13.29 10.96
C HIS A 191 5.65 13.06 11.20
N SER A 192 4.85 13.21 10.14
CA SER A 192 3.40 12.98 10.22
C SER A 192 2.81 12.59 8.84
N PHE A 193 1.67 13.19 8.47
CA PHE A 193 0.91 12.78 7.28
C PHE A 193 1.69 12.87 5.98
N GLU A 194 2.59 13.84 5.90
CA GLU A 194 3.29 14.18 4.65
C GLU A 194 4.22 13.06 4.20
N VAL A 195 4.53 12.15 5.11
CA VAL A 195 5.28 10.93 4.81
C VAL A 195 4.59 10.10 3.71
N ASP A 196 3.27 10.07 3.75
CA ASP A 196 2.50 9.29 2.77
C ASP A 196 2.42 10.01 1.43
N VAL A 197 2.43 11.34 1.44
CA VAL A 197 2.41 12.11 0.19
C VAL A 197 3.76 11.96 -0.52
N TRP A 198 4.84 11.92 0.24
CA TRP A 198 6.15 11.61 -0.31
C TRP A 198 6.14 10.25 -0.98
N SER A 199 5.60 9.25 -0.29
CA SER A 199 5.57 7.88 -0.81
C SER A 199 4.75 7.82 -2.11
N ILE A 200 3.63 8.53 -2.14
CA ILE A 200 2.81 8.59 -3.34
C ILE A 200 3.58 9.30 -4.47
N GLY A 201 4.44 10.25 -4.10
CA GLY A 201 5.33 10.89 -5.04
C GLY A 201 6.20 9.86 -5.73
N CYS A 202 6.87 9.04 -4.92
CA CYS A 202 7.77 8.02 -5.43
C CYS A 202 7.02 6.99 -6.27
N ILE A 203 5.80 6.67 -5.85
CA ILE A 203 4.99 5.67 -6.55
C ILE A 203 4.66 6.16 -7.95
N MET A 204 4.22 7.41 -8.01
CA MET A 204 3.90 8.05 -9.28
C MET A 204 5.09 8.14 -10.21
N TYR A 205 6.27 8.45 -9.68
CA TYR A 205 7.52 8.40 -10.45
C TYR A 205 7.75 7.00 -11.01
N THR A 206 7.73 5.99 -10.12
CA THR A 206 7.98 4.61 -10.53
C THR A 206 7.00 4.17 -11.61
N LEU A 207 5.72 4.48 -11.44
CA LEU A 207 4.68 4.07 -12.38
C LEU A 207 4.87 4.65 -13.78
N LEU A 208 5.27 5.91 -13.86
CA LEU A 208 5.47 6.60 -15.13
C LEU A 208 6.84 6.36 -15.75
N VAL A 209 7.87 6.19 -14.91
CA VAL A 209 9.24 6.12 -15.37
C VAL A 209 9.73 4.69 -15.55
N GLY A 210 9.24 3.79 -14.69
CA GLY A 210 9.59 2.37 -14.78
C GLY A 210 10.66 1.95 -13.79
N LYS A 211 11.17 2.90 -13.02
CA LYS A 211 12.03 2.59 -11.87
C LYS A 211 11.84 3.63 -10.78
N PRO A 212 12.22 3.31 -9.53
CA PRO A 212 12.09 4.25 -8.42
C PRO A 212 13.08 5.41 -8.51
N PRO A 213 12.71 6.58 -7.97
CA PRO A 213 13.47 7.81 -8.21
C PRO A 213 14.87 7.89 -7.57
N PHE A 214 15.11 7.19 -6.46
CA PHE A 214 16.39 7.31 -5.75
C PHE A 214 17.23 6.03 -5.71
N GLU A 215 16.94 5.09 -6.61
CA GLU A 215 17.55 3.75 -6.59
C GLU A 215 19.07 3.77 -6.74
N THR A 216 19.75 2.96 -5.95
CA THR A 216 21.18 2.68 -6.13
C THR A 216 21.47 1.22 -5.76
N SER A 217 22.72 0.80 -5.91
CA SER A 217 23.19 -0.51 -5.45
C SER A 217 23.12 -0.68 -3.93
N CYS A 218 23.29 0.42 -3.19
CA CYS A 218 23.40 0.38 -1.71
C CYS A 218 22.25 1.14 -1.10
N LEU A 219 21.64 0.56 -0.09
CA LEU A 219 20.50 1.18 0.57
C LEU A 219 20.90 2.49 1.26
N LYS A 220 22.08 2.51 1.89
CA LYS A 220 22.57 3.72 2.53
C LYS A 220 22.85 4.85 1.55
N GLU A 221 23.35 4.52 0.36
CA GLU A 221 23.59 5.51 -0.69
C GLU A 221 22.25 6.08 -1.20
N THR A 222 21.23 5.23 -1.19
CA THR A 222 19.90 5.64 -1.59
C THR A 222 19.36 6.66 -0.59
N TYR A 223 19.44 6.32 0.70
CA TYR A 223 19.07 7.25 1.76
C TYR A 223 19.85 8.57 1.65
N LEU A 224 21.10 8.46 1.20
CA LEU A 224 21.93 9.63 1.00
C LEU A 224 21.29 10.53 -0.05
N ARG A 225 20.91 9.94 -1.16
CA ARG A 225 20.33 10.70 -2.27
C ARG A 225 18.99 11.33 -1.90
N ILE A 226 18.22 10.66 -1.05
CA ILE A 226 16.94 11.21 -0.60
C ILE A 226 17.17 12.46 0.25
N LYS A 227 18.18 12.41 1.11
CA LYS A 227 18.55 13.55 1.94
C LYS A 227 18.88 14.76 1.06
N LYS A 228 19.70 14.54 0.04
CA LYS A 228 20.18 15.62 -0.84
C LYS A 228 19.18 15.99 -1.94
N ASN A 229 18.01 15.37 -1.93
CA ASN A 229 17.01 15.51 -3.00
C ASN A 229 17.63 15.21 -4.38
N GLU A 230 18.37 14.11 -4.47
CA GLU A 230 19.08 13.76 -5.70
C GLU A 230 18.27 12.77 -6.52
N TYR A 231 17.39 13.32 -7.35
CA TYR A 231 16.71 12.56 -8.40
C TYR A 231 16.58 13.48 -9.60
N SER A 232 16.15 12.93 -10.73
CA SER A 232 15.83 13.74 -11.87
C SER A 232 14.82 12.98 -12.71
N ILE A 233 13.95 13.74 -13.37
CA ILE A 233 12.84 13.16 -14.13
C ILE A 233 13.21 13.18 -15.61
N PRO A 234 13.09 12.03 -16.30
CA PRO A 234 13.38 11.98 -17.72
C PRO A 234 12.62 13.01 -18.56
N LYS A 235 13.23 13.38 -19.68
CA LYS A 235 12.66 14.37 -20.62
C LYS A 235 11.29 13.96 -21.16
N HIS A 236 11.08 12.66 -21.39
CA HIS A 236 9.88 12.16 -22.06
C HIS A 236 8.62 12.18 -21.20
N ILE A 237 8.79 12.41 -19.91
CA ILE A 237 7.66 12.62 -18.99
C ILE A 237 7.05 13.98 -19.25
N ASN A 238 5.73 14.04 -19.36
CA ASN A 238 5.03 15.30 -19.66
C ASN A 238 5.13 16.29 -18.50
N PRO A 239 5.24 17.58 -18.82
CA PRO A 239 5.53 18.56 -17.77
C PRO A 239 4.49 18.63 -16.64
N VAL A 240 3.21 18.37 -16.93
CA VAL A 240 2.17 18.42 -15.90
C VAL A 240 2.35 17.28 -14.90
N ALA A 241 2.64 16.09 -15.41
CA ALA A 241 2.99 14.95 -14.56
C ALA A 241 4.27 15.23 -13.76
N ALA A 242 5.30 15.71 -14.45
CA ALA A 242 6.59 16.00 -13.80
C ALA A 242 6.44 17.02 -12.70
N SER A 243 5.60 18.01 -12.94
CA SER A 243 5.44 19.09 -11.97
C SER A 243 4.83 18.55 -10.68
N LEU A 244 3.88 17.64 -10.82
CA LEU A 244 3.19 17.09 -9.66
C LEU A 244 4.14 16.24 -8.82
N ILE A 245 4.93 15.43 -9.51
CA ILE A 245 5.98 14.66 -8.86
C ILE A 245 6.89 15.60 -8.08
N GLN A 246 7.35 16.67 -8.72
CA GLN A 246 8.23 17.64 -8.05
C GLN A 246 7.62 18.26 -6.81
N LYS A 247 6.32 18.58 -6.86
CA LYS A 247 5.59 19.11 -5.69
C LYS A 247 5.60 18.12 -4.54
N MET A 248 5.34 16.85 -4.85
CA MET A 248 5.27 15.81 -3.82
C MET A 248 6.64 15.41 -3.24
N LEU A 249 7.71 15.50 -4.03
CA LEU A 249 9.02 15.05 -3.55
C LEU A 249 9.91 16.22 -3.12
N GLN A 250 9.41 17.03 -2.21
CA GLN A 250 10.21 18.09 -1.63
C GLN A 250 10.68 17.68 -0.26
N THR A 251 11.90 18.09 0.09
CA THR A 251 12.52 17.71 1.36
C THR A 251 11.76 18.31 2.54
N ASP A 252 11.34 19.56 2.36
CA ASP A 252 10.51 20.24 3.33
C ASP A 252 9.12 19.65 3.28
N PRO A 253 8.71 18.93 4.34
CA PRO A 253 7.39 18.29 4.36
C PRO A 253 6.24 19.29 4.27
N THR A 254 6.47 20.54 4.70
CA THR A 254 5.43 21.56 4.70
C THR A 254 5.16 22.11 3.30
N ALA A 255 6.09 21.86 2.37
CA ALA A 255 5.94 22.30 0.97
C ALA A 255 5.13 21.33 0.13
N ARG A 256 5.10 20.05 0.52
CA ARG A 256 4.34 19.05 -0.22
C ARG A 256 2.87 19.37 -0.14
N PRO A 257 2.09 19.02 -1.19
CA PRO A 257 0.64 19.10 -1.07
C PRO A 257 0.10 18.17 0.01
N THR A 258 -1.06 18.51 0.58
CA THR A 258 -1.74 17.57 1.46
C THR A 258 -2.47 16.60 0.58
N ILE A 259 -2.97 15.54 1.19
CA ILE A 259 -3.61 14.48 0.44
C ILE A 259 -4.90 14.96 -0.27
N ASN A 260 -5.57 15.96 0.30
CA ASN A 260 -6.83 16.44 -0.27
C ASN A 260 -6.71 17.42 -1.43
N GLU A 261 -5.51 17.97 -1.65
CA GLU A 261 -5.27 18.86 -2.79
C GLU A 261 -5.09 18.05 -4.06
N LEU A 262 -4.53 16.84 -3.91
CA LEU A 262 -3.95 16.07 -5.01
C LEU A 262 -4.85 15.86 -6.22
N LEU A 263 -6.10 15.43 -6.00
CA LEU A 263 -7.02 15.12 -7.11
C LEU A 263 -7.39 16.35 -7.92
N ASN A 264 -7.16 17.53 -7.35
CA ASN A 264 -7.38 18.81 -8.04
C ASN A 264 -6.18 19.27 -8.86
N ASP A 265 -5.11 18.49 -8.88
CA ASP A 265 -3.97 18.85 -9.70
C ASP A 265 -4.37 18.76 -11.16
N GLU A 266 -3.81 19.66 -11.97
CA GLU A 266 -3.96 19.59 -13.43
C GLU A 266 -3.80 18.16 -13.95
N PHE A 267 -2.85 17.43 -13.38
CA PHE A 267 -2.57 16.05 -13.78
C PHE A 267 -3.83 15.19 -13.84
N PHE A 268 -4.72 15.40 -12.88
CA PHE A 268 -5.98 14.67 -12.85
C PHE A 268 -7.06 15.41 -13.63
N THR A 269 -7.30 16.66 -13.26
CA THR A 269 -8.43 17.41 -13.80
C THR A 269 -8.38 17.69 -15.31
N SER A 270 -7.22 17.56 -15.95
CA SER A 270 -7.16 17.87 -17.38
C SER A 270 -6.48 16.77 -18.20
N GLY A 271 -6.57 15.53 -17.74
CA GLY A 271 -6.12 14.39 -18.52
C GLY A 271 -7.18 13.30 -18.49
N TYR A 272 -7.10 12.38 -19.45
CA TYR A 272 -8.01 11.23 -19.52
C TYR A 272 -7.86 10.26 -18.33
N ILE A 273 -8.93 10.01 -17.58
CA ILE A 273 -8.94 9.02 -16.51
C ILE A 273 -9.93 7.90 -16.84
N PRO A 274 -9.41 6.72 -17.20
CA PRO A 274 -10.37 5.65 -17.54
C PRO A 274 -11.27 5.28 -16.37
N ALA A 275 -12.53 4.98 -16.68
CA ALA A 275 -13.51 4.52 -15.67
C ALA A 275 -13.15 3.13 -15.18
N ARG A 276 -12.51 2.35 -16.06
CA ARG A 276 -11.95 1.07 -15.69
C ARG A 276 -10.92 0.61 -16.72
N LEU A 277 -10.17 -0.42 -16.36
CA LEU A 277 -9.18 -1.03 -17.23
C LEU A 277 -9.55 -2.48 -17.53
N PRO A 278 -9.26 -2.93 -18.75
CA PRO A 278 -9.39 -4.37 -19.05
C PRO A 278 -8.27 -5.21 -18.43
N ILE A 279 -8.50 -6.51 -18.28
CA ILE A 279 -7.51 -7.44 -17.72
C ILE A 279 -6.24 -7.54 -18.56
N THR A 280 -6.37 -7.31 -19.86
CA THR A 280 -5.20 -7.28 -20.74
C THR A 280 -4.15 -6.28 -20.24
N CYS A 281 -4.58 -5.28 -19.48
CA CYS A 281 -3.67 -4.25 -18.95
C CYS A 281 -2.61 -4.79 -18.00
N LEU A 282 -2.75 -6.03 -17.55
CA LEU A 282 -1.72 -6.70 -16.76
C LEU A 282 -0.49 -7.06 -17.60
N THR A 283 -0.70 -7.18 -18.90
CA THR A 283 0.33 -7.66 -19.82
C THR A 283 0.63 -6.74 -20.99
N ILE A 284 -0.42 -6.15 -21.57
CA ILE A 284 -0.32 -5.35 -22.79
C ILE A 284 -0.69 -3.88 -22.51
N PRO A 285 0.10 -2.92 -23.06
CA PRO A 285 -0.28 -1.52 -22.93
C PRO A 285 -1.57 -1.21 -23.70
N PRO A 286 -2.51 -0.48 -23.09
CA PRO A 286 -3.72 -0.07 -23.81
C PRO A 286 -3.53 1.17 -24.66
N ARG A 287 -4.17 1.17 -25.83
CA ARG A 287 -4.17 2.35 -26.68
C ARG A 287 -5.36 3.26 -26.36
N PHE A 288 -6.34 2.74 -25.64
CA PHE A 288 -7.54 3.50 -25.30
C PHE A 288 -8.24 4.04 -26.54
N SER A 289 -8.57 3.12 -27.45
CA SER A 289 -9.17 3.47 -28.70
C SER A 289 -10.62 3.84 -28.54
N ILE A 290 -11.11 4.62 -29.49
CA ILE A 290 -12.42 5.23 -29.42
C ILE A 290 -13.53 4.31 -29.95
N ALA A 291 -13.17 3.24 -30.63
CA ALA A 291 -14.17 2.27 -31.07
C ALA A 291 -13.48 0.98 -31.45
N PRO A 292 -14.14 -0.16 -31.18
CA PRO A 292 -13.58 -1.45 -31.64
C PRO A 292 -13.43 -1.49 -33.18
N SER A 293 -12.41 -2.20 -33.66
CA SER A 293 -12.11 -2.26 -35.10
C SER A 293 -11.48 -3.60 -35.48
#